data_8CR5
#
_entry.id   8CR5
#
_cell.length_a   29.220
_cell.length_b   165.090
_cell.length_c   51.870
_cell.angle_alpha   90.000
_cell.angle_beta   90.435
_cell.angle_gamma   90.000
#
_symmetry.space_group_name_H-M   'P 1 21 1'
#
loop_
_entity.id
_entity.type
_entity.pdbx_description
1 polymer 'Interleukin-12 subunit beta'
2 polymer 'Interleukin-12 receptor subunit beta-1'
3 branched alpha-D-mannopyranose-(1-3)-beta-D-mannopyranose-(1-4)-2-acetamido-2-deoxy-beta-D-glucopyranose-(1-4)-2-acetamido-2-deoxy-beta-D-glucopyranose
4 non-polymer 2-acetamido-2-deoxy-beta-D-glucopyranose
5 water water
#
loop_
_entity_poly.entity_id
_entity_poly.type
_entity_poly.pdbx_seq_one_letter_code
_entity_poly.pdbx_strand_id
1 'polypeptide(L)'
;MCPQKLTISWFAIVLLVSPLMAMWELEKDVYVVEVDWTPDAPGETVNLTCDTPEEDDITWTSDQRHGVIGSGKTLTITVK
EFLDAGQYTCHKGGETLSHSHLLLHKKENGIWSTEILKNFKNKTFLKCEAPNYSGRFTCSWLVQRNMDLKFNIKSSSSSP
DSRAVTCGMASLSAEKVTLDQRDYEKYSVSCQEDVTSPTAEETLPIELALEARQQNKYENYSTSFFIRDIIKPDPPKNLQ
MKPLKNSQVEVSWEYPDSWSTPHSYFSLKFFVRIQRKKEKMKETEEGCNQKGAFLVEKTSTEVQCKGGNVCVQAQDRYYN
SSCSKWACVPCRVRSGTKHHHHHH
;
A
2 'polypeptide(L)'
;MGVKVLFALICIAVAEAQLGASGPGDGCCVEKTSFPEGASGSPLGPRNLSCYRVSKTDYECSWQYDGPEDNVSHVLWCCF
VPPNHTHTGQERCRYFSSGPDRTVQFWEQDGIPVLSKVNFWVESRLGNRTMKSQKISQYLYNWTKTTPPLGHIKVSQSHR
QLRMDWNVSEEAGAEVQFRRRMPTTNWTLGDCGPQVNSGSGVLGDIRGSMSESCLCPSENMAQEIQIRRRRRLSSGAPGG
PWSDWSMPVCVPPEVLGTKHHHHHH
;
B
#
loop_
_chem_comp.id
_chem_comp.type
_chem_comp.name
_chem_comp.formula
BMA D-saccharide, beta linking beta-D-mannopyranose 'C6 H12 O6'
MAN D-saccharide, alpha linking alpha-D-mannopyranose 'C6 H12 O6'
NAG D-saccharide, beta linking 2-acetamido-2-deoxy-beta-D-glucopyranose 'C8 H15 N O6'
#
# COMPACT_ATOMS: atom_id res chain seq x y z
N MET A 23 -2.51 -12.70 18.69
CA MET A 23 -1.71 -11.48 18.72
C MET A 23 -0.23 -11.79 18.88
N TRP A 24 0.60 -11.14 18.07
CA TRP A 24 2.05 -11.28 18.17
C TRP A 24 2.68 -9.90 18.21
N GLU A 25 3.89 -9.86 18.78
CA GLU A 25 4.62 -8.62 19.00
C GLU A 25 5.45 -8.29 17.76
N LEU A 26 5.23 -7.10 17.20
CA LEU A 26 6.01 -6.62 16.05
C LEU A 26 7.30 -5.94 16.51
N GLU A 27 7.17 -4.85 17.27
CA GLU A 27 8.30 -4.21 17.92
C GLU A 27 7.96 -4.00 19.40
N LYS A 28 8.74 -3.17 20.08
CA LYS A 28 8.45 -2.86 21.48
C LYS A 28 7.10 -2.16 21.59
N ASP A 29 6.18 -2.77 22.33
CA ASP A 29 4.85 -2.22 22.59
C ASP A 29 4.05 -1.99 21.32
N VAL A 30 4.33 -2.77 20.28
CA VAL A 30 3.56 -2.75 19.03
C VAL A 30 3.13 -4.18 18.74
N TYR A 31 1.82 -4.40 18.64
CA TYR A 31 1.26 -5.74 18.50
C TYR A 31 0.34 -5.79 17.29
N VAL A 32 0.40 -6.92 16.57
CA VAL A 32 -0.41 -7.16 15.39
C VAL A 32 -1.51 -8.15 15.73
N VAL A 33 -2.75 -7.81 15.39
CA VAL A 33 -3.91 -8.65 15.61
C VAL A 33 -4.48 -9.04 14.26
N GLU A 34 -4.51 -10.34 13.98
CA GLU A 34 -5.10 -10.83 12.74
C GLU A 34 -6.60 -10.96 12.90
N VAL A 35 -7.35 -10.49 11.90
CA VAL A 35 -8.80 -10.44 11.98
C VAL A 35 -9.40 -10.97 10.69
N ASP A 36 -10.48 -11.73 10.82
CA ASP A 36 -11.29 -12.11 9.68
C ASP A 36 -12.30 -11.00 9.39
N TRP A 37 -12.42 -10.64 8.11
CA TRP A 37 -13.28 -9.52 7.72
C TRP A 37 -14.70 -9.99 7.48
N THR A 38 -15.29 -10.56 8.53
CA THR A 38 -16.68 -10.99 8.57
C THR A 38 -17.33 -10.51 9.85
N PRO A 39 -18.65 -10.26 9.83
CA PRO A 39 -19.34 -9.84 11.06
C PRO A 39 -19.50 -10.97 12.06
N ASP A 40 -19.68 -12.20 11.59
CA ASP A 40 -19.99 -13.31 12.50
C ASP A 40 -18.81 -13.68 13.38
N ALA A 41 -17.60 -13.43 12.91
CA ALA A 41 -16.41 -13.81 13.66
C ALA A 41 -16.29 -12.95 14.91
N PRO A 42 -16.34 -13.51 16.11
CA PRO A 42 -16.08 -12.70 17.31
C PRO A 42 -14.62 -12.27 17.35
N GLY A 43 -14.40 -11.06 17.83
CA GLY A 43 -13.06 -10.51 17.85
C GLY A 43 -12.13 -11.30 18.77
N GLU A 44 -10.84 -11.03 18.61
CA GLU A 44 -9.83 -11.68 19.43
C GLU A 44 -9.75 -10.99 20.79
N THR A 45 -10.18 -11.69 21.84
CA THR A 45 -10.05 -11.19 23.19
C THR A 45 -8.57 -11.12 23.55
N VAL A 46 -8.11 -9.94 23.96
CA VAL A 46 -6.69 -9.74 24.24
C VAL A 46 -6.54 -8.85 25.46
N ASN A 47 -5.41 -9.02 26.16
CA ASN A 47 -5.10 -8.28 27.36
C ASN A 47 -3.88 -7.39 27.12
N LEU A 48 -3.96 -6.15 27.59
CA LEU A 48 -2.86 -5.19 27.51
C LEU A 48 -2.43 -4.84 28.92
N THR A 49 -1.17 -5.14 29.24
CA THR A 49 -0.61 -4.84 30.55
C THR A 49 0.21 -3.56 30.48
N CYS A 50 0.16 -2.77 31.55
CA CYS A 50 0.86 -1.50 31.61
C CYS A 50 2.27 -1.72 32.15
N ASP A 51 3.28 -1.32 31.37
CA ASP A 51 4.68 -1.48 31.75
C ASP A 51 5.05 -0.37 32.72
N THR A 52 4.88 -0.64 34.01
CA THR A 52 5.11 0.36 35.05
C THR A 52 5.21 -0.33 36.40
N PRO A 53 5.96 0.23 37.34
CA PRO A 53 6.01 -0.35 38.69
C PRO A 53 4.82 0.03 39.57
N GLU A 54 3.99 0.99 39.14
CA GLU A 54 2.87 1.41 39.96
C GLU A 54 1.83 0.29 40.09
N GLU A 55 1.11 0.30 41.20
CA GLU A 55 0.25 -0.83 41.56
C GLU A 55 -1.22 -0.47 41.76
N ASP A 56 -1.56 0.80 41.90
CA ASP A 56 -2.95 1.21 42.13
C ASP A 56 -3.31 2.33 41.17
N ASP A 57 -4.60 2.65 41.13
CA ASP A 57 -5.14 3.83 40.45
C ASP A 57 -4.52 4.02 39.06
N ILE A 58 -4.66 2.99 38.23
CA ILE A 58 -4.21 3.03 36.85
C ILE A 58 -5.43 3.09 35.95
N THR A 59 -5.52 4.13 35.13
CA THR A 59 -6.61 4.30 34.19
C THR A 59 -6.12 4.07 32.77
N TRP A 60 -7.04 3.65 31.90
CA TRP A 60 -6.73 3.34 30.52
C TRP A 60 -7.51 4.26 29.60
N THR A 61 -6.86 4.70 28.52
CA THR A 61 -7.50 5.50 27.49
C THR A 61 -7.15 4.94 26.11
N SER A 62 -7.89 5.40 25.11
CA SER A 62 -7.67 4.99 23.72
C SER A 62 -7.82 6.21 22.83
N ASP A 63 -6.98 6.31 21.80
CA ASP A 63 -7.01 7.47 20.92
C ASP A 63 -8.20 7.48 19.99
N GLN A 64 -9.15 6.57 20.15
CA GLN A 64 -10.37 6.54 19.35
C GLN A 64 -11.63 6.58 20.19
N ARG A 65 -11.50 6.55 21.51
CA ARG A 65 -12.62 6.71 22.42
C ARG A 65 -12.38 7.92 23.31
N HIS A 66 -13.46 8.42 23.91
CA HIS A 66 -13.40 9.57 24.79
C HIS A 66 -13.57 9.11 26.23
N GLY A 67 -12.68 9.56 27.10
CA GLY A 67 -12.75 9.22 28.51
C GLY A 67 -12.05 7.92 28.85
N VAL A 68 -12.04 7.62 30.16
CA VAL A 68 -11.41 6.40 30.64
C VAL A 68 -12.23 5.20 30.20
N ILE A 69 -11.55 4.17 29.68
CA ILE A 69 -12.19 2.98 29.16
C ILE A 69 -11.97 1.77 30.05
N GLY A 70 -11.26 1.91 31.16
CA GLY A 70 -10.98 0.80 32.04
C GLY A 70 -9.97 1.14 33.11
N SER A 71 -9.88 0.31 34.14
CA SER A 71 -8.98 0.54 35.26
C SER A 71 -8.10 -0.69 35.47
N GLY A 72 -7.12 -0.54 36.35
CA GLY A 72 -6.22 -1.63 36.69
C GLY A 72 -4.99 -1.69 35.81
N LYS A 73 -4.05 -2.55 36.22
CA LYS A 73 -2.81 -2.71 35.48
C LYS A 73 -2.98 -3.49 34.19
N THR A 74 -4.08 -4.22 34.04
CA THR A 74 -4.34 -5.04 32.85
C THR A 74 -5.72 -4.70 32.30
N LEU A 75 -5.78 -4.42 31.01
CA LEU A 75 -7.03 -4.08 30.33
C LEU A 75 -7.35 -5.14 29.29
N THR A 76 -8.52 -5.75 29.42
CA THR A 76 -8.96 -6.81 28.52
C THR A 76 -9.98 -6.25 27.53
N ILE A 77 -9.66 -6.33 26.24
CA ILE A 77 -10.52 -5.82 25.19
C ILE A 77 -10.69 -6.89 24.13
N THR A 78 -11.80 -6.79 23.39
CA THR A 78 -12.05 -7.62 22.23
C THR A 78 -11.83 -6.78 20.98
N VAL A 79 -10.99 -7.27 20.06
CA VAL A 79 -10.57 -6.52 18.89
C VAL A 79 -11.12 -7.21 17.65
N LYS A 80 -11.93 -6.49 16.90
CA LYS A 80 -12.58 -7.00 15.69
C LYS A 80 -12.25 -6.19 14.45
N GLU A 81 -12.32 -4.87 14.53
CA GLU A 81 -11.99 -4.03 13.38
C GLU A 81 -11.30 -2.76 13.89
N PHE A 82 -11.25 -1.73 13.04
CA PHE A 82 -10.25 -0.69 13.19
C PHE A 82 -10.54 0.25 14.35
N LEU A 83 -11.81 0.42 14.72
CA LEU A 83 -12.11 1.28 15.87
C LEU A 83 -11.61 0.68 17.18
N ASP A 84 -11.36 -0.63 17.21
CA ASP A 84 -10.77 -1.29 18.37
C ASP A 84 -9.24 -1.24 18.36
N ALA A 85 -8.63 -0.72 17.30
CA ALA A 85 -7.19 -0.65 17.20
C ALA A 85 -6.70 0.76 17.54
N GLY A 86 -5.39 0.95 17.44
CA GLY A 86 -4.78 2.23 17.72
C GLY A 86 -3.89 2.18 18.95
N GLN A 87 -3.68 3.37 19.52
CA GLN A 87 -2.81 3.51 20.68
C GLN A 87 -3.64 3.43 21.96
N TYR A 88 -3.24 2.54 22.85
CA TYR A 88 -3.84 2.40 24.17
C TYR A 88 -2.84 2.88 25.21
N THR A 89 -3.27 3.79 26.08
CA THR A 89 -2.40 4.44 27.04
C THR A 89 -2.91 4.22 28.45
N CYS A 90 -1.99 3.89 29.36
CA CYS A 90 -2.30 3.78 30.78
C CYS A 90 -1.74 5.00 31.51
N HIS A 91 -2.45 5.43 32.55
CA HIS A 91 -2.13 6.67 33.24
C HIS A 91 -2.14 6.45 34.75
N LYS A 92 -1.57 7.41 35.46
CA LYS A 92 -1.69 7.51 36.91
C LYS A 92 -1.59 8.99 37.27
N GLY A 93 -2.70 9.56 37.75
CA GLY A 93 -2.71 10.94 38.19
C GLY A 93 -2.21 11.93 37.16
N GLY A 94 -2.67 11.81 35.92
CA GLY A 94 -2.33 12.75 34.87
C GLY A 94 -1.02 12.48 34.17
N GLU A 95 -0.20 11.56 34.66
CA GLU A 95 1.05 11.19 34.01
C GLU A 95 0.85 9.89 33.24
N THR A 96 1.30 9.88 31.99
CA THR A 96 1.21 8.67 31.17
C THR A 96 2.26 7.66 31.60
N LEU A 97 1.82 6.43 31.83
CA LEU A 97 2.72 5.38 32.30
C LEU A 97 3.34 4.60 31.15
N SER A 98 2.51 4.14 30.20
CA SER A 98 2.99 3.36 29.07
C SER A 98 1.99 3.46 27.93
N HIS A 99 2.43 3.03 26.76
CA HIS A 99 1.60 3.02 25.56
C HIS A 99 1.66 1.64 24.92
N SER A 100 0.64 1.33 24.12
CA SER A 100 0.59 0.05 23.41
C SER A 100 -0.21 0.25 22.13
N HIS A 101 0.44 0.03 20.99
CA HIS A 101 -0.18 0.24 19.68
C HIS A 101 -0.72 -1.09 19.15
N LEU A 102 -1.98 -1.07 18.72
CA LEU A 102 -2.64 -2.24 18.16
C LEU A 102 -2.81 -2.07 16.66
N LEU A 103 -2.26 -3.00 15.89
CA LEU A 103 -2.38 -3.00 14.45
C LEU A 103 -3.17 -4.23 14.00
N LEU A 104 -3.88 -4.08 12.88
CA LEU A 104 -4.72 -5.14 12.34
C LEU A 104 -4.16 -5.63 11.02
N HIS A 105 -4.05 -6.95 10.89
CA HIS A 105 -3.76 -7.60 9.61
C HIS A 105 -5.06 -8.20 9.10
N LYS A 106 -5.59 -7.63 8.03
CA LYS A 106 -6.88 -8.06 7.49
C LYS A 106 -6.72 -9.36 6.71
N LYS A 107 -7.60 -10.31 6.98
CA LYS A 107 -7.71 -11.56 6.20
C LYS A 107 -9.15 -11.66 5.73
N GLU A 108 -9.40 -11.29 4.48
CA GLU A 108 -10.74 -11.27 3.91
C GLU A 108 -10.88 -12.36 2.86
N ASN A 109 -11.89 -13.21 3.02
CA ASN A 109 -12.14 -14.33 2.11
C ASN A 109 -10.90 -15.20 1.90
N GLY A 110 -10.06 -15.35 2.93
CA GLY A 110 -8.89 -16.19 2.86
C GLY A 110 -7.68 -15.54 2.23
N ILE A 111 -7.68 -14.24 2.07
CA ILE A 111 -6.60 -13.54 1.36
C ILE A 111 -6.07 -12.40 2.24
N TRP A 112 -4.81 -12.51 2.64
CA TRP A 112 -4.19 -11.44 3.42
C TRP A 112 -4.16 -10.15 2.60
N SER A 113 -4.48 -9.03 3.26
CA SER A 113 -4.70 -7.77 2.56
C SER A 113 -3.46 -7.29 1.82
N THR A 114 -3.67 -6.78 0.60
CA THR A 114 -2.61 -6.12 -0.18
C THR A 114 -3.17 -4.82 -0.76
N GLU A 115 -3.47 -3.85 0.12
CA GLU A 115 -4.06 -2.60 -0.35
C GLU A 115 -3.23 -1.35 -0.08
N ILE A 116 -2.29 -1.40 0.86
CA ILE A 116 -1.43 -0.24 1.07
C ILE A 116 -0.60 0.03 -0.18
N LEU A 117 -0.05 -1.03 -0.77
CA LEU A 117 0.77 -0.91 -1.97
C LEU A 117 -0.09 -1.02 -3.23
N LYS A 118 0.38 -0.41 -4.31
CA LYS A 118 -0.25 -0.50 -5.61
C LYS A 118 0.66 -1.30 -6.54
N ASN A 119 0.09 -2.28 -7.23
CA ASN A 119 0.91 -3.18 -8.03
C ASN A 119 1.44 -2.50 -9.28
N PHE A 120 2.54 -3.04 -9.80
CA PHE A 120 3.19 -2.51 -10.98
C PHE A 120 2.43 -2.95 -12.24
N LYS A 121 2.99 -2.63 -13.41
CA LYS A 121 2.33 -2.98 -14.67
C LYS A 121 2.14 -4.49 -14.81
N ASN A 122 3.07 -5.29 -14.30
CA ASN A 122 3.00 -6.74 -14.38
C ASN A 122 2.38 -7.38 -13.14
N LYS A 123 1.57 -6.62 -12.40
CA LYS A 123 0.77 -7.11 -11.27
C LYS A 123 1.62 -7.62 -10.11
N THR A 124 2.85 -7.15 -9.97
CA THR A 124 3.66 -7.42 -8.79
C THR A 124 3.76 -6.16 -7.94
N PHE A 125 4.04 -6.36 -6.65
CA PHE A 125 4.12 -5.26 -5.70
C PHE A 125 5.55 -4.81 -5.42
N LEU A 126 6.52 -5.73 -5.45
CA LEU A 126 7.92 -5.42 -5.20
C LEU A 126 8.71 -5.63 -6.48
N LYS A 127 9.28 -4.55 -7.01
CA LYS A 127 10.03 -4.60 -8.26
C LYS A 127 11.50 -4.32 -7.95
N CYS A 128 12.36 -5.30 -8.17
CA CYS A 128 13.77 -5.22 -7.85
C CYS A 128 14.60 -5.22 -9.13
N GLU A 129 15.67 -4.43 -9.14
CA GLU A 129 16.58 -4.34 -10.28
C GLU A 129 18.02 -4.35 -9.78
N ALA A 130 18.89 -5.05 -10.51
CA ALA A 130 20.31 -5.13 -10.17
C ALA A 130 21.12 -4.71 -11.38
N PRO A 131 22.01 -3.72 -11.26
CA PRO A 131 22.83 -3.31 -12.41
C PRO A 131 23.92 -4.31 -12.77
N ASN A 132 24.21 -5.28 -11.91
CA ASN A 132 25.27 -6.25 -12.15
C ASN A 132 25.06 -7.45 -11.24
N TYR A 133 25.99 -8.40 -11.29
CA TYR A 133 25.95 -9.59 -10.46
C TYR A 133 26.68 -9.39 -9.14
N SER A 134 27.01 -8.16 -8.77
CA SER A 134 27.77 -7.91 -7.54
C SER A 134 26.98 -8.23 -6.28
N GLY A 135 25.66 -8.24 -6.35
CA GLY A 135 24.80 -8.34 -5.19
C GLY A 135 24.09 -7.06 -4.84
N ARG A 136 24.55 -5.93 -5.37
CA ARG A 136 23.81 -4.68 -5.25
C ARG A 136 22.52 -4.76 -6.05
N PHE A 137 21.41 -4.39 -5.42
CA PHE A 137 20.16 -4.24 -6.16
C PHE A 137 19.26 -3.26 -5.43
N THR A 138 18.27 -2.74 -6.17
CA THR A 138 17.30 -1.80 -5.66
C THR A 138 15.92 -2.43 -5.77
N CYS A 139 15.14 -2.37 -4.70
CA CYS A 139 13.76 -2.84 -4.69
C CYS A 139 12.83 -1.66 -4.42
N SER A 140 11.75 -1.57 -5.19
CA SER A 140 10.86 -0.43 -5.15
C SER A 140 9.41 -0.89 -5.06
N TRP A 141 8.56 0.00 -4.54
CA TRP A 141 7.13 -0.26 -4.45
C TRP A 141 6.38 1.06 -4.61
N LEU A 142 5.07 0.96 -4.80
CA LEU A 142 4.21 2.10 -5.06
C LEU A 142 3.10 2.17 -4.03
N VAL A 143 2.86 3.36 -3.48
CA VAL A 143 1.71 3.63 -2.63
C VAL A 143 1.07 4.92 -3.09
N GLN A 144 -0.23 5.04 -2.85
CA GLN A 144 -0.99 6.22 -3.24
C GLN A 144 -1.37 7.11 -2.06
N ARG A 145 -1.79 6.52 -0.94
CA ARG A 145 -2.09 7.28 0.27
C ARG A 145 -0.82 7.36 1.10
N ASN A 146 -0.14 8.51 1.01
CA ASN A 146 1.19 8.67 1.59
C ASN A 146 1.13 9.40 2.93
N MET A 147 0.43 8.79 3.89
N MET A 147 0.43 8.78 3.88
CA MET A 147 0.34 9.34 5.22
CA MET A 147 0.27 9.33 5.23
C MET A 147 0.32 8.22 6.24
C MET A 147 0.35 8.18 6.23
N ASP A 148 1.02 8.43 7.36
CA ASP A 148 1.11 7.47 8.46
C ASP A 148 1.72 6.14 8.01
N LEU A 149 2.72 6.21 7.14
CA LEU A 149 3.35 5.02 6.61
C LEU A 149 4.59 4.63 7.41
N LYS A 150 4.84 3.32 7.45
CA LYS A 150 6.06 2.75 8.02
C LYS A 150 6.42 1.51 7.23
N PHE A 151 7.71 1.32 6.96
CA PHE A 151 8.18 0.21 6.16
C PHE A 151 9.37 -0.47 6.83
N ASN A 152 9.39 -1.79 6.76
CA ASN A 152 10.54 -2.58 7.21
C ASN A 152 10.71 -3.75 6.25
N ILE A 153 11.93 -3.94 5.77
CA ILE A 153 12.23 -5.02 4.85
C ILE A 153 13.32 -5.89 5.46
N LYS A 154 13.29 -7.18 5.12
CA LYS A 154 14.20 -8.14 5.72
C LYS A 154 14.14 -9.43 4.92
N SER A 155 15.29 -10.10 4.79
CA SER A 155 15.30 -11.43 4.21
C SER A 155 14.77 -12.43 5.23
N SER A 156 13.79 -13.24 4.81
CA SER A 156 13.16 -14.19 5.70
C SER A 156 13.92 -15.52 5.74
N ASP A 161 19.96 -22.84 2.56
CA ASP A 161 18.54 -22.56 2.78
C ASP A 161 18.21 -21.09 2.63
N SER A 162 19.10 -20.23 3.13
CA SER A 162 18.82 -18.80 3.23
C SER A 162 19.99 -18.00 2.66
N ARG A 163 19.72 -17.25 1.59
CA ARG A 163 20.64 -16.22 1.10
C ARG A 163 20.19 -14.90 1.72
N ALA A 164 20.83 -14.52 2.82
CA ALA A 164 20.41 -13.36 3.60
C ALA A 164 21.01 -12.08 3.02
N VAL A 165 20.22 -11.01 3.08
CA VAL A 165 20.63 -9.70 2.60
C VAL A 165 20.42 -8.68 3.71
N THR A 166 21.07 -7.53 3.56
CA THR A 166 20.87 -6.39 4.44
C THR A 166 20.53 -5.18 3.59
N CYS A 167 19.40 -4.53 3.90
CA CYS A 167 18.92 -3.38 3.13
C CYS A 167 19.08 -2.12 3.97
N GLY A 168 19.62 -1.08 3.34
CA GLY A 168 19.81 0.18 4.03
C GLY A 168 18.51 0.94 4.21
N MET A 169 17.63 0.44 5.08
CA MET A 169 16.36 1.11 5.32
C MET A 169 16.56 2.55 5.79
N ALA A 170 17.67 2.82 6.49
CA ALA A 170 17.95 4.16 6.97
C ALA A 170 18.12 5.17 5.83
N SER A 171 18.31 4.70 4.60
CA SER A 171 18.46 5.57 3.44
C SER A 171 17.30 5.43 2.46
N LEU A 172 16.12 5.05 2.98
CA LEU A 172 14.95 4.94 2.12
C LEU A 172 14.63 6.28 1.49
N SER A 173 14.25 6.24 0.21
CA SER A 173 13.91 7.45 -0.53
C SER A 173 12.64 7.20 -1.32
N ALA A 174 12.03 8.28 -1.80
CA ALA A 174 10.80 8.19 -2.58
C ALA A 174 10.74 9.33 -3.57
N GLU A 175 10.06 9.10 -4.68
CA GLU A 175 9.85 10.12 -5.70
C GLU A 175 8.44 9.99 -6.26
N LYS A 176 7.89 11.11 -6.71
CA LYS A 176 6.55 11.13 -7.25
C LYS A 176 6.56 10.61 -8.69
N VAL A 177 5.72 9.61 -8.96
CA VAL A 177 5.59 9.05 -10.29
C VAL A 177 4.11 9.09 -10.67
N THR A 178 3.85 9.17 -11.98
CA THR A 178 2.49 9.21 -12.50
C THR A 178 2.25 7.98 -13.36
N LEU A 179 1.20 7.23 -13.04
CA LEU A 179 0.83 6.03 -13.76
C LEU A 179 -0.68 6.03 -13.97
N ASP A 180 -1.10 5.79 -15.22
CA ASP A 180 -2.52 5.81 -15.59
C ASP A 180 -3.15 7.14 -15.16
N GLN A 181 -2.45 8.22 -15.48
CA GLN A 181 -2.86 9.59 -15.11
C GLN A 181 -3.18 9.71 -13.62
N ARG A 182 -2.64 8.81 -12.80
CA ARG A 182 -2.82 8.85 -11.36
C ARG A 182 -1.45 8.93 -10.69
N ASP A 183 -1.37 9.72 -9.62
CA ASP A 183 -0.09 9.98 -8.97
C ASP A 183 0.18 8.96 -7.87
N TYR A 184 1.44 8.54 -7.79
CA TYR A 184 1.89 7.62 -6.75
C TYR A 184 3.28 8.04 -6.32
N GLU A 185 3.69 7.52 -5.16
CA GLU A 185 5.04 7.73 -4.65
C GLU A 185 5.80 6.41 -4.71
N LYS A 186 6.91 6.41 -5.43
CA LYS A 186 7.72 5.21 -5.64
C LYS A 186 8.84 5.22 -4.61
N TYR A 187 8.74 4.37 -3.61
CA TYR A 187 9.80 4.21 -2.63
C TYR A 187 10.87 3.28 -3.19
N SER A 188 12.11 3.48 -2.73
CA SER A 188 13.22 2.65 -3.18
C SER A 188 14.22 2.50 -2.05
N VAL A 189 14.78 1.30 -1.93
CA VAL A 189 15.79 0.98 -0.92
C VAL A 189 16.87 0.14 -1.58
N SER A 190 18.12 0.40 -1.21
CA SER A 190 19.25 -0.36 -1.71
C SER A 190 19.56 -1.52 -0.78
N CYS A 191 19.80 -2.69 -1.36
CA CYS A 191 20.15 -3.89 -0.60
C CYS A 191 21.43 -4.50 -1.16
N GLN A 192 21.97 -5.41 -0.37
CA GLN A 192 23.24 -6.08 -0.73
C GLN A 192 23.23 -7.49 -0.17
N GLU A 193 23.42 -8.47 -1.03
CA GLU A 193 23.56 -9.84 -0.57
C GLU A 193 24.78 -9.96 0.33
N ASP A 194 24.61 -10.65 1.47
CA ASP A 194 25.68 -10.77 2.44
C ASP A 194 26.80 -11.67 1.89
N VAL A 195 26.58 -12.98 1.87
CA VAL A 195 27.58 -13.87 1.27
C VAL A 195 27.35 -13.87 -0.25
N THR A 196 28.33 -13.36 -0.98
CA THR A 196 28.20 -13.17 -2.42
C THR A 196 29.29 -13.92 -3.16
N SER A 197 28.99 -14.28 -4.41
CA SER A 197 29.90 -14.98 -5.30
C SER A 197 29.37 -14.85 -6.73
N PRO A 198 29.66 -13.75 -7.41
CA PRO A 198 29.00 -13.49 -8.70
C PRO A 198 29.28 -14.53 -9.77
N THR A 199 30.52 -15.04 -9.84
CA THR A 199 30.88 -15.99 -10.88
C THR A 199 30.11 -17.30 -10.74
N ALA A 200 29.77 -17.68 -9.52
CA ALA A 200 29.05 -18.93 -9.30
C ALA A 200 27.59 -18.79 -9.70
N GLU A 201 26.98 -19.92 -10.04
CA GLU A 201 25.57 -19.96 -10.41
C GLU A 201 24.71 -20.10 -9.16
N GLU A 202 23.47 -19.64 -9.26
CA GLU A 202 22.56 -19.56 -8.13
C GLU A 202 21.63 -20.77 -8.12
N THR A 203 21.56 -21.43 -6.97
CA THR A 203 20.66 -22.57 -6.78
C THR A 203 19.37 -22.15 -6.06
N LEU A 204 19.51 -21.54 -4.86
CA LEU A 204 18.41 -20.99 -4.09
C LEU A 204 18.23 -19.51 -4.41
N PRO A 205 17.00 -19.00 -4.37
CA PRO A 205 16.77 -17.59 -4.67
C PRO A 205 16.86 -16.72 -3.41
N ILE A 206 16.95 -15.42 -3.64
CA ILE A 206 16.81 -14.44 -2.57
C ILE A 206 15.35 -14.29 -2.21
N GLU A 207 15.04 -14.24 -0.92
CA GLU A 207 13.67 -14.14 -0.44
C GLU A 207 13.54 -12.91 0.44
N LEU A 208 12.76 -11.93 0.00
CA LEU A 208 12.54 -10.70 0.73
C LEU A 208 11.08 -10.58 1.18
N ALA A 209 10.87 -9.81 2.24
CA ALA A 209 9.54 -9.54 2.75
C ALA A 209 9.50 -8.10 3.25
N LEU A 210 8.57 -7.32 2.70
CA LEU A 210 8.37 -5.93 3.12
C LEU A 210 7.16 -5.86 4.04
N GLU A 211 7.37 -5.32 5.24
CA GLU A 211 6.27 -5.07 6.18
C GLU A 211 5.81 -3.63 6.00
N ALA A 212 4.53 -3.47 5.64
CA ALA A 212 3.95 -2.16 5.39
C ALA A 212 2.92 -1.83 6.45
N ARG A 213 3.00 -0.63 7.01
N ARG A 213 3.01 -0.64 7.01
CA ARG A 213 2.07 -0.17 8.03
CA ARG A 213 2.08 -0.15 8.03
C ARG A 213 1.48 1.16 7.60
C ARG A 213 1.47 1.16 7.56
N GLN A 214 0.16 1.28 7.72
CA GLN A 214 -0.57 2.51 7.40
C GLN A 214 -1.55 2.79 8.52
N GLN A 215 -1.25 3.79 9.34
CA GLN A 215 -2.01 4.10 10.55
C GLN A 215 -2.09 2.88 11.47
N ASN A 216 -3.23 2.19 11.47
CA ASN A 216 -3.42 1.02 12.31
C ASN A 216 -3.49 -0.28 11.52
N LYS A 217 -3.09 -0.24 10.25
CA LYS A 217 -3.18 -1.39 9.36
C LYS A 217 -1.79 -1.98 9.14
N TYR A 218 -1.70 -3.31 9.18
CA TYR A 218 -0.46 -4.01 8.92
C TYR A 218 -0.63 -4.97 7.75
N GLU A 219 0.36 -4.99 6.87
CA GLU A 219 0.43 -5.92 5.76
C GLU A 219 1.89 -6.29 5.53
N ASN A 220 2.10 -7.45 4.91
CA ASN A 220 3.45 -7.77 4.44
C ASN A 220 3.37 -8.42 3.06
N TYR A 221 4.44 -8.23 2.28
CA TYR A 221 4.54 -8.68 0.91
C TYR A 221 5.83 -9.47 0.74
N SER A 222 5.74 -10.64 0.12
CA SER A 222 6.88 -11.52 -0.08
C SER A 222 7.32 -11.50 -1.55
N THR A 223 8.61 -11.78 -1.76
CA THR A 223 9.17 -11.83 -3.11
C THR A 223 10.38 -12.75 -3.11
N SER A 224 10.48 -13.59 -4.14
CA SER A 224 11.65 -14.44 -4.36
C SER A 224 12.14 -14.26 -5.78
N PHE A 225 13.46 -14.26 -5.96
CA PHE A 225 14.04 -14.00 -7.26
C PHE A 225 15.50 -14.42 -7.27
N PHE A 226 16.04 -14.56 -8.48
CA PHE A 226 17.46 -14.72 -8.72
C PHE A 226 18.03 -13.43 -9.28
N ILE A 227 19.30 -13.16 -8.96
CA ILE A 227 19.96 -11.97 -9.50
C ILE A 227 19.89 -11.98 -11.02
N ARG A 228 20.03 -13.16 -11.63
CA ARG A 228 20.03 -13.28 -13.09
C ARG A 228 18.78 -12.67 -13.71
N ASP A 229 17.65 -12.75 -13.04
CA ASP A 229 16.38 -12.34 -13.64
C ASP A 229 16.08 -10.85 -13.49
N ILE A 230 16.62 -10.21 -12.45
CA ILE A 230 16.31 -8.80 -12.19
C ILE A 230 17.34 -7.85 -12.80
N ILE A 231 18.31 -8.42 -13.54
CA ILE A 231 19.44 -7.63 -14.11
C ILE A 231 18.97 -6.60 -15.11
N LYS A 232 19.38 -5.34 -14.92
CA LYS A 232 19.12 -4.29 -15.91
C LYS A 232 20.40 -3.47 -16.02
N PRO A 233 21.24 -3.75 -17.00
CA PRO A 233 22.52 -3.06 -17.10
C PRO A 233 22.35 -1.58 -17.42
N ASP A 234 23.39 -0.83 -17.11
CA ASP A 234 23.43 0.59 -17.44
C ASP A 234 23.63 0.77 -18.94
N PRO A 235 23.22 1.90 -19.51
CA PRO A 235 23.30 2.07 -20.96
C PRO A 235 24.74 2.22 -21.42
N PRO A 236 25.03 1.87 -22.68
CA PRO A 236 26.41 1.95 -23.16
C PRO A 236 26.95 3.38 -23.10
N LYS A 237 28.28 3.48 -23.10
CA LYS A 237 28.96 4.75 -23.01
C LYS A 237 29.92 4.91 -24.19
N ASN A 238 30.27 6.16 -24.47
CA ASN A 238 31.15 6.52 -25.58
C ASN A 238 30.63 6.01 -26.91
N LEU A 239 29.73 6.76 -27.54
CA LEU A 239 29.06 6.35 -28.77
C LEU A 239 29.53 7.26 -29.90
N GLN A 240 30.65 6.90 -30.51
CA GLN A 240 31.28 7.71 -31.54
C GLN A 240 31.01 7.13 -32.93
N MET A 241 30.71 8.00 -33.88
CA MET A 241 30.35 7.60 -35.23
C MET A 241 31.53 7.73 -36.18
N LYS A 242 31.35 7.21 -37.39
CA LYS A 242 32.33 7.27 -38.46
C LYS A 242 31.65 6.96 -39.78
N PRO A 243 31.43 7.96 -40.64
CA PRO A 243 30.60 7.76 -41.82
C PRO A 243 31.36 7.10 -42.97
N LEU A 244 30.59 6.70 -43.97
CA LEU A 244 31.12 6.08 -45.18
C LEU A 244 30.24 6.50 -46.37
N LYS A 245 30.77 6.31 -47.57
CA LYS A 245 30.06 6.68 -48.79
C LYS A 245 28.84 5.78 -49.00
N GLN A 248 26.36 5.04 -45.50
CA GLN A 248 26.89 4.04 -44.59
C GLN A 248 27.57 4.71 -43.39
N VAL A 249 27.27 4.21 -42.19
CA VAL A 249 27.75 4.77 -40.94
C VAL A 249 28.26 3.65 -40.05
N GLU A 250 29.38 3.88 -39.38
CA GLU A 250 29.95 2.93 -38.44
C GLU A 250 30.07 3.61 -37.08
N VAL A 251 29.15 3.31 -36.17
CA VAL A 251 29.16 3.85 -34.81
C VAL A 251 29.39 2.70 -33.85
N SER A 252 30.23 2.94 -32.85
CA SER A 252 30.58 1.94 -31.85
C SER A 252 30.24 2.46 -30.46
N TRP A 253 30.57 1.67 -29.45
CA TRP A 253 30.30 2.01 -28.06
C TRP A 253 31.25 1.19 -27.18
N GLU A 254 30.94 1.11 -25.88
CA GLU A 254 31.66 0.22 -24.98
C GLU A 254 30.81 0.01 -23.74
N TYR A 255 31.23 -0.97 -22.93
CA TYR A 255 30.44 -1.38 -21.78
C TYR A 255 30.38 -0.27 -20.75
N PRO A 256 29.32 -0.23 -19.95
CA PRO A 256 29.31 0.67 -18.79
C PRO A 256 30.24 0.17 -17.71
N ASP A 257 30.81 1.12 -16.96
CA ASP A 257 31.75 0.76 -15.90
C ASP A 257 31.06 0.08 -14.72
N SER A 258 29.74 0.11 -14.64
CA SER A 258 29.02 -0.58 -13.58
C SER A 258 28.82 -2.06 -13.87
N TRP A 259 29.05 -2.50 -15.10
CA TRP A 259 28.85 -3.91 -15.44
C TRP A 259 29.95 -4.77 -14.83
N SER A 260 29.59 -6.03 -14.55
CA SER A 260 30.50 -6.93 -13.87
C SER A 260 31.70 -7.27 -14.74
N THR A 261 32.81 -7.61 -14.08
CA THR A 261 34.06 -7.98 -14.71
C THR A 261 34.50 -9.37 -14.23
N PRO A 262 35.22 -10.14 -15.06
CA PRO A 262 35.70 -9.79 -16.41
C PRO A 262 34.61 -9.82 -17.47
N HIS A 263 34.74 -8.95 -18.48
CA HIS A 263 33.76 -8.89 -19.56
C HIS A 263 33.73 -10.15 -20.40
N SER A 264 34.82 -10.92 -20.41
CA SER A 264 34.83 -12.18 -21.15
C SER A 264 33.85 -13.19 -20.58
N TYR A 265 33.60 -13.12 -19.27
CA TYR A 265 32.57 -13.94 -18.65
C TYR A 265 31.22 -13.21 -18.66
N PHE A 266 31.19 -12.00 -18.13
CA PHE A 266 29.95 -11.22 -18.08
C PHE A 266 29.80 -10.41 -19.37
N SER A 267 29.50 -11.15 -20.44
CA SER A 267 29.36 -10.54 -21.76
C SER A 267 27.99 -9.88 -21.90
N LEU A 268 27.90 -9.00 -22.88
CA LEU A 268 26.61 -8.29 -23.14
C LEU A 268 26.26 -8.41 -24.61
N LYS A 269 24.99 -8.19 -24.94
CA LYS A 269 24.53 -8.21 -26.33
C LYS A 269 23.85 -6.87 -26.52
N PHE A 270 23.72 -6.41 -27.76
CA PHE A 270 23.17 -5.04 -27.96
C PHE A 270 22.10 -5.04 -29.05
N PHE A 271 21.17 -4.10 -28.95
CA PHE A 271 20.12 -3.95 -29.92
C PHE A 271 20.17 -2.51 -30.46
N VAL A 272 20.37 -2.37 -31.77
CA VAL A 272 20.60 -1.07 -32.39
C VAL A 272 19.43 -0.74 -33.28
N ARG A 273 18.79 0.41 -33.03
CA ARG A 273 17.68 0.88 -33.84
C ARG A 273 17.86 2.36 -34.13
N ILE A 274 17.14 2.85 -35.15
CA ILE A 274 17.22 4.24 -35.58
C ILE A 274 15.81 4.82 -35.53
N GLN A 275 15.62 5.85 -34.74
CA GLN A 275 14.32 6.52 -34.63
C GLN A 275 14.21 7.66 -35.62
N GLY A 287 10.21 -7.71 -20.75
CA GLY A 287 10.01 -6.35 -21.20
C GLY A 287 11.29 -5.65 -21.62
N CYS A 288 11.63 -5.78 -22.91
CA CYS A 288 12.81 -5.12 -23.46
C CYS A 288 12.47 -4.00 -24.45
N ASN A 289 11.25 -4.00 -24.99
CA ASN A 289 10.79 -2.96 -25.91
C ASN A 289 11.66 -2.85 -27.15
N GLN A 290 12.22 -3.96 -27.60
CA GLN A 290 13.04 -4.01 -28.80
C GLN A 290 12.18 -4.52 -29.96
N LYS A 291 11.85 -3.62 -30.88
CA LYS A 291 10.96 -3.94 -31.98
C LYS A 291 11.58 -3.75 -33.36
N GLY A 292 12.47 -2.76 -33.54
CA GLY A 292 13.05 -2.51 -34.83
C GLY A 292 14.56 -2.57 -34.84
N ALA A 293 15.14 -3.24 -33.84
CA ALA A 293 16.58 -3.35 -33.70
C ALA A 293 17.05 -4.71 -34.20
N PHE A 294 18.36 -4.94 -34.10
CA PHE A 294 18.96 -6.19 -34.54
C PHE A 294 20.06 -6.60 -33.57
N LEU A 295 20.27 -7.91 -33.46
CA LEU A 295 21.25 -8.44 -32.52
C LEU A 295 22.65 -8.04 -32.93
N VAL A 296 23.37 -7.38 -32.03
CA VAL A 296 24.79 -7.07 -32.19
C VAL A 296 25.51 -7.49 -30.92
N GLU A 297 26.55 -8.30 -31.07
CA GLU A 297 27.28 -8.84 -29.93
C GLU A 297 28.52 -8.03 -29.57
N LYS A 298 29.29 -7.59 -30.56
CA LYS A 298 30.41 -6.70 -30.30
C LYS A 298 29.94 -5.25 -30.30
N THR A 299 30.86 -4.33 -30.05
CA THR A 299 30.52 -2.91 -30.08
C THR A 299 30.54 -2.33 -31.49
N SER A 300 31.25 -2.97 -32.42
CA SER A 300 31.30 -2.49 -33.79
C SER A 300 29.99 -2.76 -34.50
N THR A 301 29.57 -1.82 -35.36
CA THR A 301 28.35 -1.96 -36.13
C THR A 301 28.37 -0.99 -37.29
N GLU A 302 28.01 -1.48 -38.48
CA GLU A 302 27.80 -0.63 -39.65
C GLU A 302 26.31 -0.42 -39.87
N VAL A 303 25.93 0.80 -40.24
CA VAL A 303 24.53 1.18 -40.32
C VAL A 303 24.37 2.27 -41.37
N GLN A 304 23.19 2.33 -41.98
CA GLN A 304 22.80 3.43 -42.85
C GLN A 304 21.73 4.26 -42.16
N CYS A 305 21.85 5.58 -42.25
CA CYS A 305 20.91 6.48 -41.58
C CYS A 305 20.58 7.65 -42.51
N LYS A 306 19.36 7.65 -43.05
CA LYS A 306 18.91 8.81 -43.82
C LYS A 306 18.58 9.97 -42.89
N GLY A 307 17.99 9.67 -41.74
CA GLY A 307 17.64 10.69 -40.76
C GLY A 307 17.26 10.05 -39.45
N GLY A 308 17.17 10.88 -38.43
CA GLY A 308 16.79 10.42 -37.12
C GLY A 308 17.97 10.16 -36.21
N ASN A 309 17.72 9.31 -35.21
CA ASN A 309 18.69 9.03 -34.15
C ASN A 309 18.89 7.52 -34.04
N VAL A 310 20.09 7.05 -34.35
CA VAL A 310 20.43 5.66 -34.11
C VAL A 310 20.59 5.44 -32.60
N CYS A 311 19.96 4.39 -32.09
CA CYS A 311 19.85 4.17 -30.66
C CYS A 311 20.26 2.75 -30.31
N VAL A 312 20.92 2.60 -29.16
CA VAL A 312 21.45 1.31 -28.72
C VAL A 312 20.99 1.06 -27.29
N GLN A 313 20.85 -0.23 -26.96
CA GLN A 313 20.66 -0.66 -25.58
C GLN A 313 21.58 -1.84 -25.31
N ALA A 314 21.46 -2.40 -24.10
CA ALA A 314 22.26 -3.54 -23.68
C ALA A 314 21.38 -4.57 -23.01
N GLN A 315 21.93 -5.78 -22.86
CA GLN A 315 21.26 -6.89 -22.22
C GLN A 315 22.28 -7.99 -21.99
N ASP A 316 22.13 -8.72 -20.88
CA ASP A 316 22.94 -9.90 -20.65
C ASP A 316 22.80 -10.86 -21.83
N ARG A 317 23.93 -11.27 -22.39
CA ARG A 317 23.91 -12.05 -23.63
C ARG A 317 23.26 -13.40 -23.41
N TYR A 318 23.56 -14.06 -22.29
CA TYR A 318 23.19 -15.46 -22.08
C TYR A 318 21.99 -15.62 -21.16
N TYR A 319 21.22 -14.56 -20.91
CA TYR A 319 20.02 -14.68 -20.10
C TYR A 319 19.03 -13.58 -20.46
N ASN A 320 17.76 -13.96 -20.52
CA ASN A 320 16.67 -13.07 -20.91
C ASN A 320 16.20 -12.24 -19.71
N SER A 321 17.09 -11.37 -19.27
CA SER A 321 16.78 -10.44 -18.19
C SER A 321 16.35 -9.10 -18.77
N SER A 322 16.22 -8.09 -17.93
CA SER A 322 15.77 -6.78 -18.36
C SER A 322 16.81 -6.13 -19.28
N CYS A 323 16.33 -5.18 -20.06
CA CYS A 323 17.22 -4.49 -21.01
C CYS A 323 17.55 -3.12 -20.46
N SER A 324 18.36 -2.36 -21.18
CA SER A 324 18.84 -1.07 -20.64
C SER A 324 18.05 0.08 -21.22
N LYS A 325 18.13 1.22 -20.55
CA LYS A 325 17.52 2.44 -21.10
C LYS A 325 18.27 2.72 -22.39
N TRP A 326 17.55 3.15 -23.41
CA TRP A 326 18.21 3.34 -24.73
C TRP A 326 19.17 4.51 -24.68
N ALA A 327 20.30 4.39 -25.35
CA ALA A 327 21.23 5.53 -25.48
C ALA A 327 21.10 5.95 -26.93
N CYS A 328 21.17 7.24 -27.22
CA CYS A 328 20.87 7.65 -28.58
C CYS A 328 21.86 8.72 -29.04
N VAL A 329 22.29 8.62 -30.30
CA VAL A 329 23.17 9.61 -30.92
C VAL A 329 22.52 10.08 -32.22
N PRO A 330 22.77 11.31 -32.66
CA PRO A 330 22.15 11.79 -33.90
C PRO A 330 22.96 11.42 -35.14
N CYS A 331 22.24 11.02 -36.18
CA CYS A 331 22.87 10.69 -37.46
C CYS A 331 23.38 11.95 -38.15
N LEU B 44 -40.91 16.33 -0.32
CA LEU B 44 -39.80 17.26 -0.19
C LEU B 44 -38.81 16.80 0.86
N GLY B 45 -37.53 16.85 0.52
CA GLY B 45 -36.46 16.52 1.44
C GLY B 45 -35.52 15.50 0.89
N PRO B 46 -34.58 15.09 1.73
CA PRO B 46 -33.61 14.06 1.32
C PRO B 46 -34.29 12.71 1.17
N ARG B 47 -33.78 11.92 0.23
CA ARG B 47 -34.56 10.79 -0.27
C ARG B 47 -33.61 9.80 -0.95
N ASN B 48 -33.94 8.51 -0.88
CA ASN B 48 -33.11 7.39 -1.37
C ASN B 48 -31.67 7.44 -0.83
N LEU B 49 -31.54 7.22 0.48
CA LEU B 49 -30.21 7.11 1.06
C LEU B 49 -29.70 5.68 0.91
N SER B 50 -28.49 5.54 0.38
CA SER B 50 -27.83 4.25 0.33
C SER B 50 -26.35 4.44 0.62
N CYS B 51 -25.75 3.41 1.20
CA CYS B 51 -24.32 3.42 1.45
C CYS B 51 -23.74 2.06 1.13
N TYR B 52 -22.49 2.05 0.69
CA TYR B 52 -21.96 0.87 0.02
C TYR B 52 -20.44 0.96 -0.06
N ARG B 53 -19.84 -0.15 -0.43
CA ARG B 53 -18.39 -0.27 -0.60
C ARG B 53 -18.04 0.04 -2.04
N VAL B 54 -17.00 0.86 -2.24
CA VAL B 54 -16.55 1.21 -3.57
C VAL B 54 -15.16 0.66 -3.89
N SER B 55 -14.38 0.29 -2.88
CA SER B 55 -13.10 -0.37 -3.08
C SER B 55 -12.89 -1.32 -1.92
N LYS B 56 -11.70 -1.89 -1.82
CA LYS B 56 -11.42 -2.79 -0.70
C LYS B 56 -11.40 -2.04 0.62
N THR B 57 -11.08 -0.74 0.60
CA THR B 57 -10.97 0.05 1.82
C THR B 57 -11.92 1.24 1.89
N ASP B 58 -12.46 1.69 0.76
CA ASP B 58 -13.23 2.93 0.71
C ASP B 58 -14.73 2.65 0.66
N TYR B 59 -15.51 3.59 1.17
CA TYR B 59 -16.95 3.49 1.23
C TYR B 59 -17.58 4.80 0.78
N GLU B 60 -18.88 4.77 0.54
CA GLU B 60 -19.57 5.95 0.02
C GLU B 60 -21.05 5.89 0.37
N CYS B 61 -21.61 7.05 0.69
CA CYS B 61 -23.04 7.23 0.89
C CYS B 61 -23.56 8.22 -0.14
N SER B 62 -24.74 7.94 -0.69
CA SER B 62 -25.36 8.79 -1.70
C SER B 62 -26.85 8.92 -1.42
N TRP B 63 -27.42 10.05 -1.83
CA TRP B 63 -28.83 10.32 -1.61
C TRP B 63 -29.30 11.37 -2.59
N GLN B 64 -30.61 11.39 -2.83
CA GLN B 64 -31.25 12.39 -3.67
C GLN B 64 -32.09 13.32 -2.82
N TYR B 65 -32.43 14.47 -3.39
CA TYR B 65 -33.11 15.54 -2.65
C TYR B 65 -34.23 16.10 -3.51
N ASP B 66 -35.47 15.98 -3.03
CA ASP B 66 -36.63 16.49 -3.73
C ASP B 66 -36.90 17.92 -3.29
N GLY B 67 -36.79 18.86 -4.23
CA GLY B 67 -37.07 20.25 -3.96
C GLY B 67 -36.08 21.20 -4.58
N PRO B 68 -36.18 22.48 -4.24
CA PRO B 68 -35.21 23.47 -4.76
C PRO B 68 -33.85 23.23 -4.13
N GLU B 69 -32.82 23.22 -4.98
CA GLU B 69 -31.47 22.88 -4.54
C GLU B 69 -30.64 24.09 -4.14
N ASP B 70 -31.09 25.30 -4.44
CA ASP B 70 -30.32 26.49 -4.09
C ASP B 70 -30.35 26.72 -2.59
N ASN B 71 -29.18 27.03 -2.01
CA ASN B 71 -29.03 27.35 -0.60
C ASN B 71 -29.47 26.19 0.31
N VAL B 72 -29.23 24.96 -0.13
CA VAL B 72 -29.51 23.77 0.67
C VAL B 72 -28.19 23.14 1.08
N SER B 73 -28.13 22.70 2.33
CA SER B 73 -26.95 22.02 2.86
C SER B 73 -27.39 20.72 3.51
N HIS B 74 -26.55 19.68 3.37
CA HIS B 74 -26.86 18.35 3.86
C HIS B 74 -25.83 17.93 4.90
N VAL B 75 -26.30 17.20 5.92
CA VAL B 75 -25.43 16.63 6.95
C VAL B 75 -25.76 15.14 7.05
N LEU B 76 -24.78 14.30 6.71
CA LEU B 76 -24.94 12.86 6.79
C LEU B 76 -24.61 12.39 8.20
N TRP B 77 -25.55 11.72 8.85
CA TRP B 77 -25.38 11.26 10.21
C TRP B 77 -25.22 9.75 10.26
N CYS B 78 -24.45 9.28 11.23
CA CYS B 78 -24.21 7.85 11.41
C CYS B 78 -24.08 7.57 12.90
N CYS B 79 -24.94 6.70 13.42
CA CYS B 79 -24.88 6.29 14.82
C CYS B 79 -24.87 4.77 14.91
N PHE B 80 -24.20 4.26 15.93
CA PHE B 80 -23.99 2.82 16.05
C PHE B 80 -23.67 2.48 17.51
N VAL B 81 -23.79 1.20 17.82
CA VAL B 81 -23.48 0.65 19.13
C VAL B 81 -22.25 -0.25 18.98
N PRO B 82 -21.09 0.15 19.48
CA PRO B 82 -19.88 -0.64 19.26
C PRO B 82 -19.81 -1.83 20.21
N PRO B 83 -19.44 -3.01 19.70
CA PRO B 83 -19.22 -4.16 20.58
C PRO B 83 -18.13 -3.84 21.61
N ASN B 84 -18.47 -4.02 22.88
CA ASN B 84 -17.61 -3.57 23.97
C ASN B 84 -17.81 -4.51 25.16
N HIS B 85 -17.39 -4.06 26.34
CA HIS B 85 -17.65 -4.74 27.60
C HIS B 85 -18.64 -3.97 28.47
N THR B 86 -19.36 -3.01 27.87
CA THR B 86 -20.33 -2.21 28.59
C THR B 86 -21.74 -2.73 28.32
N HIS B 87 -22.54 -2.85 29.38
CA HIS B 87 -23.90 -3.33 29.23
C HIS B 87 -24.87 -2.24 28.81
N THR B 88 -24.60 -0.99 29.19
CA THR B 88 -25.36 0.13 28.66
C THR B 88 -25.10 0.27 27.16
N GLY B 89 -26.13 0.68 26.42
CA GLY B 89 -26.01 0.76 24.97
C GLY B 89 -24.81 1.59 24.53
N GLN B 90 -24.72 2.82 25.01
CA GLN B 90 -23.61 3.72 24.70
C GLN B 90 -23.50 3.94 23.18
N GLU B 91 -24.56 4.52 22.63
CA GLU B 91 -24.60 4.81 21.19
C GLU B 91 -23.59 5.91 20.85
N ARG B 92 -22.82 5.70 19.80
CA ARG B 92 -21.81 6.64 19.35
C ARG B 92 -22.20 7.16 17.97
N CYS B 93 -22.01 8.47 17.77
CA CYS B 93 -22.49 9.13 16.56
C CYS B 93 -21.37 9.93 15.90
N ARG B 94 -21.37 9.93 14.57
CA ARG B 94 -20.47 10.72 13.75
C ARG B 94 -21.28 11.42 12.67
N TYR B 95 -20.70 12.47 12.07
CA TYR B 95 -21.41 13.17 11.02
C TYR B 95 -20.45 13.73 9.99
N PHE B 96 -20.98 13.98 8.79
CA PHE B 96 -20.27 14.59 7.68
C PHE B 96 -21.09 15.75 7.16
N SER B 97 -20.49 16.94 7.14
CA SER B 97 -21.11 18.09 6.48
C SER B 97 -20.61 18.13 5.03
N SER B 98 -21.51 17.96 4.09
CA SER B 98 -21.17 17.89 2.67
C SER B 98 -21.58 19.12 1.88
N GLY B 99 -22.16 20.12 2.53
CA GLY B 99 -22.60 21.31 1.85
C GLY B 99 -23.67 21.01 0.82
N PRO B 100 -23.48 21.50 -0.40
CA PRO B 100 -24.46 21.22 -1.46
C PRO B 100 -24.37 19.83 -2.06
N ASP B 101 -23.23 19.15 -1.90
CA ASP B 101 -23.05 17.85 -2.53
C ASP B 101 -23.88 16.78 -1.83
N ARG B 102 -24.25 15.75 -2.60
CA ARG B 102 -25.11 14.67 -2.12
C ARG B 102 -24.38 13.33 -2.10
N THR B 103 -23.07 13.35 -1.97
CA THR B 103 -22.28 12.15 -1.76
C THR B 103 -21.28 12.39 -0.63
N VAL B 104 -20.92 11.31 0.06
CA VAL B 104 -19.94 11.37 1.14
C VAL B 104 -19.00 10.18 0.98
N GLN B 105 -17.70 10.44 1.03
CA GLN B 105 -16.68 9.41 0.89
C GLN B 105 -15.94 9.25 2.21
N PHE B 106 -15.70 8.00 2.59
CA PHE B 106 -14.90 7.68 3.76
C PHE B 106 -14.23 6.33 3.54
N TRP B 107 -13.50 5.86 4.53
CA TRP B 107 -12.77 4.61 4.40
C TRP B 107 -12.70 3.91 5.75
N GLU B 108 -12.18 2.68 5.72
CA GLU B 108 -12.30 1.76 6.84
C GLU B 108 -11.63 2.25 8.11
N GLN B 109 -10.72 3.21 8.02
CA GLN B 109 -10.03 3.74 9.21
C GLN B 109 -10.56 5.10 9.63
N ASP B 110 -11.74 5.51 9.17
CA ASP B 110 -12.30 6.79 9.57
C ASP B 110 -13.07 6.73 10.88
N GLY B 111 -13.29 5.53 11.44
CA GLY B 111 -13.93 5.41 12.73
C GLY B 111 -15.34 4.84 12.70
N ILE B 112 -15.86 4.47 11.55
CA ILE B 112 -17.20 3.90 11.42
C ILE B 112 -17.05 2.39 11.23
N PRO B 113 -17.75 1.57 12.01
CA PRO B 113 -17.62 0.11 11.85
C PRO B 113 -18.20 -0.34 10.52
N VAL B 114 -17.52 -1.31 9.90
CA VAL B 114 -17.99 -1.91 8.65
C VAL B 114 -18.41 -3.37 8.83
N LEU B 115 -18.13 -3.98 9.98
CA LEU B 115 -18.51 -5.36 10.24
C LEU B 115 -19.63 -5.49 11.25
N SER B 116 -20.29 -4.39 11.61
CA SER B 116 -21.41 -4.43 12.54
C SER B 116 -22.48 -3.45 12.08
N LYS B 117 -23.68 -3.60 12.65
CA LYS B 117 -24.81 -2.79 12.24
C LYS B 117 -24.60 -1.33 12.59
N VAL B 118 -24.85 -0.46 11.61
CA VAL B 118 -24.77 0.97 11.78
C VAL B 118 -26.05 1.60 11.23
N ASN B 119 -26.36 2.78 11.72
CA ASN B 119 -27.55 3.52 11.29
C ASN B 119 -27.14 4.83 10.64
N PHE B 120 -27.81 5.18 9.55
CA PHE B 120 -27.50 6.39 8.82
C PHE B 120 -28.78 7.14 8.48
N TRP B 121 -28.66 8.46 8.38
CA TRP B 121 -29.72 9.31 7.87
C TRP B 121 -29.11 10.64 7.48
N VAL B 122 -29.85 11.39 6.66
CA VAL B 122 -29.42 12.69 6.16
C VAL B 122 -30.33 13.77 6.71
N GLU B 123 -29.73 14.86 7.15
CA GLU B 123 -30.46 16.06 7.59
C GLU B 123 -30.12 17.19 6.65
N SER B 124 -31.12 17.67 5.91
CA SER B 124 -30.95 18.78 4.98
C SER B 124 -31.43 20.08 5.61
N ARG B 125 -30.69 21.15 5.37
CA ARG B 125 -30.97 22.45 5.96
C ARG B 125 -31.31 23.45 4.87
N LEU B 126 -32.46 24.09 4.98
CA LEU B 126 -32.85 25.22 4.13
C LEU B 126 -33.34 26.33 5.03
N GLY B 127 -32.64 27.45 5.05
CA GLY B 127 -32.89 28.48 6.03
C GLY B 127 -32.57 27.98 7.42
N ASN B 128 -33.60 27.85 8.26
CA ASN B 128 -33.44 27.25 9.57
C ASN B 128 -34.23 25.97 9.74
N ARG B 129 -34.97 25.54 8.72
CA ARG B 129 -35.66 24.26 8.76
C ARG B 129 -34.69 23.13 8.42
N THR B 130 -34.84 22.01 9.10
CA THR B 130 -34.07 20.81 8.83
C THR B 130 -35.03 19.67 8.50
N MET B 131 -34.82 19.06 7.33
CA MET B 131 -35.61 17.91 6.90
C MET B 131 -34.76 16.66 7.02
N LYS B 132 -35.20 15.71 7.84
CA LYS B 132 -34.48 14.47 8.05
C LYS B 132 -34.97 13.41 7.08
N SER B 133 -34.06 12.52 6.70
CA SER B 133 -34.41 11.38 5.87
C SER B 133 -34.80 10.19 6.75
N GLN B 134 -35.38 9.18 6.12
CA GLN B 134 -35.66 7.94 6.83
C GLN B 134 -34.35 7.22 7.17
N LYS B 135 -34.36 6.54 8.31
CA LYS B 135 -33.15 5.89 8.82
C LYS B 135 -32.95 4.54 8.16
N ILE B 136 -31.71 4.26 7.74
CA ILE B 136 -31.33 2.96 7.23
C ILE B 136 -30.44 2.28 8.27
N SER B 137 -30.52 0.95 8.31
CA SER B 137 -29.77 0.16 9.29
C SER B 137 -29.20 -1.04 8.56
N GLN B 138 -27.87 -1.14 8.52
CA GLN B 138 -27.22 -2.08 7.61
C GLN B 138 -25.77 -2.28 8.03
N TYR B 139 -25.17 -3.33 7.48
CA TYR B 139 -23.72 -3.47 7.45
C TYR B 139 -23.19 -2.77 6.21
N LEU B 140 -21.88 -2.49 6.24
CA LEU B 140 -21.24 -1.78 5.13
C LEU B 140 -20.35 -2.66 4.27
N TYR B 141 -19.69 -3.66 4.87
CA TYR B 141 -18.67 -4.41 4.15
C TYR B 141 -19.24 -5.18 2.96
N ASN B 142 -20.49 -5.65 3.04
CA ASN B 142 -21.06 -6.49 1.99
C ASN B 142 -22.05 -5.72 1.10
N TRP B 143 -21.99 -4.40 1.10
CA TRP B 143 -22.80 -3.58 0.21
C TRP B 143 -21.94 -2.99 -0.89
N THR B 144 -22.44 -3.04 -2.12
CA THR B 144 -21.79 -2.42 -3.26
C THR B 144 -22.75 -1.42 -3.90
N LYS B 145 -22.21 -0.63 -4.84
CA LYS B 145 -23.01 0.39 -5.50
C LYS B 145 -24.25 -0.18 -6.17
N THR B 146 -24.25 -1.48 -6.50
CA THR B 146 -25.34 -2.11 -7.21
C THR B 146 -26.26 -2.92 -6.30
N THR B 147 -25.99 -2.96 -5.02
CA THR B 147 -26.86 -3.69 -4.10
C THR B 147 -28.22 -2.99 -3.98
N PRO B 148 -29.32 -3.69 -4.25
CA PRO B 148 -30.64 -3.06 -4.16
C PRO B 148 -30.94 -2.58 -2.74
N PRO B 149 -31.44 -1.35 -2.60
CA PRO B 149 -31.67 -0.82 -1.24
C PRO B 149 -32.78 -1.51 -0.49
N LEU B 150 -33.77 -2.05 -1.19
CA LEU B 150 -34.93 -2.65 -0.57
C LEU B 150 -34.95 -4.15 -0.83
N GLY B 151 -35.64 -4.87 0.06
CA GLY B 151 -35.77 -6.31 -0.07
C GLY B 151 -34.89 -7.15 0.84
N HIS B 152 -34.18 -6.53 1.77
CA HIS B 152 -33.33 -7.24 2.70
C HIS B 152 -34.12 -7.63 3.95
N ILE B 153 -33.83 -8.81 4.48
CA ILE B 153 -34.58 -9.32 5.62
C ILE B 153 -34.34 -8.41 6.84
N LYS B 154 -35.38 -8.27 7.65
CA LYS B 154 -35.30 -7.51 8.89
C LYS B 154 -35.96 -8.30 10.01
N VAL B 155 -35.36 -8.25 11.19
CA VAL B 155 -35.83 -9.02 12.34
C VAL B 155 -36.84 -8.18 13.11
N SER B 156 -38.05 -8.71 13.28
CA SER B 156 -39.08 -8.07 14.07
C SER B 156 -38.97 -8.54 15.51
N GLN B 157 -38.81 -7.60 16.44
CA GLN B 157 -38.66 -7.94 17.85
C GLN B 157 -39.82 -7.39 18.67
C1 NAG C . 3.31 -11.76 7.42
C2 NAG C . 4.44 -12.23 8.37
C3 NAG C . 4.05 -13.52 9.09
C4 NAG C . 2.68 -13.38 9.75
C5 NAG C . 1.67 -12.97 8.68
C6 NAG C . 0.26 -12.83 9.21
C7 NAG C . 6.70 -11.58 7.65
C8 NAG C . 7.90 -11.97 6.83
N2 NAG C . 5.67 -12.44 7.62
O3 NAG C . 5.03 -13.80 10.08
O4 NAG C . 2.29 -14.61 10.35
O5 NAG C . 2.06 -11.71 8.13
O6 NAG C . 0.13 -11.69 10.05
O7 NAG C . 6.67 -10.55 8.31
C1 NAG C . 2.32 -14.48 11.78
C2 NAG C . 1.67 -15.73 12.37
C3 NAG C . 1.72 -15.69 13.89
C4 NAG C . 3.14 -15.44 14.39
C5 NAG C . 3.72 -14.20 13.71
C6 NAG C . 5.16 -13.95 14.06
C7 NAG C . -0.04 -16.79 10.97
C8 NAG C . -1.50 -16.81 10.61
N2 NAG C . 0.32 -15.89 11.91
O3 NAG C . 1.23 -16.92 14.41
O4 NAG C . 3.12 -15.24 15.80
O5 NAG C . 3.65 -14.34 12.29
O6 NAG C . 5.85 -15.16 14.34
O7 NAG C . 0.77 -17.54 10.45
C1 BMA C . 3.64 -16.41 16.47
C2 BMA C . 3.99 -16.01 17.91
C3 BMA C . 4.48 -17.24 18.66
C4 BMA C . 3.52 -18.42 18.55
C5 BMA C . 3.19 -18.69 17.07
C6 BMA C . 2.13 -19.77 16.91
O2 BMA C . 2.83 -15.57 18.60
O3 BMA C . 4.72 -16.94 20.04
O4 BMA C . 4.11 -19.58 19.13
O5 BMA C . 2.69 -17.48 16.47
O6 BMA C . 1.21 -19.68 17.99
C1 MAN C . 6.02 -16.32 20.11
C2 MAN C . 6.79 -16.95 21.30
C3 MAN C . 6.17 -16.53 22.64
C4 MAN C . 5.90 -15.01 22.70
C5 MAN C . 5.14 -14.54 21.46
C6 MAN C . 4.94 -13.03 21.41
O2 MAN C . 8.14 -16.49 21.34
O3 MAN C . 6.99 -16.92 23.73
O4 MAN C . 5.13 -14.71 23.85
O5 MAN C . 5.87 -14.93 20.29
O6 MAN C . 4.84 -12.64 20.04
C1 NAG D . -24.45 -8.44 5.15
C2 NAG D . -25.78 -8.82 4.50
C3 NAG D . -26.87 -8.98 5.56
C4 NAG D . -26.43 -9.94 6.66
C5 NAG D . -25.11 -9.46 7.24
C6 NAG D . -24.56 -10.39 8.30
C7 NAG D . -26.12 -8.04 2.20
C8 NAG D . -26.55 -6.90 1.33
N2 NAG D . -26.16 -7.82 3.52
O3 NAG D . -28.05 -9.47 4.94
O4 NAG D . -27.41 -10.01 7.68
O5 NAG D . -24.13 -9.38 6.20
O6 NAG D . -24.59 -11.74 7.87
O7 NAG D . -25.74 -9.11 1.74
#